data_1W77
#
_entry.id   1W77
#
_cell.length_a   74.496
_cell.length_b   74.496
_cell.length_c   223.026
_cell.angle_alpha   90.00
_cell.angle_beta   90.00
_cell.angle_gamma   120.00
#
_symmetry.space_group_name_H-M   'H 3 2'
#
loop_
_entity.id
_entity.type
_entity.pdbx_description
1 polymer '2C-METHYL-D-ERYTHRITOL 4-PHOSPHATE CYTIDYLYLTRANSFERASE'
2 non-polymer 'CADMIUM ION'
3 non-polymer 'COPPER (II) ION'
4 non-polymer "CYTIDINE-5'-MONOPHOSPHATE"
5 water water
#
_entity_poly.entity_id   1
_entity_poly.type   'polypeptide(L)'
_entity_poly.pdbx_seq_one_letter_code
;MEKSVSVILLAGGQGKRMKMSMPKQYIPLLGQPIALYSFFTFSRMPEVKEIVVVCDPFFRDIFEEYEESIDVDLRFAIPG
KERQDSVYSGLQEIDVNSELVCIHDSARPLVNTEDVEKVLKDGSAVGAAVLGVPAKATIKEVNSDSLVVKTLDRKTLWEM
QTPQVIKPELLKKGFELVKSEGLEVTDDVSIVEYLKHPVYVSQGSYTNIKVTTPDDLLLAERILSEDS
;
_entity_poly.pdbx_strand_id   A
#
# COMPACT_ATOMS: atom_id res chain seq x y z
N MET A 1 2.23 -20.41 4.50
CA MET A 1 3.62 -19.94 4.25
C MET A 1 3.93 -18.74 5.16
N GLU A 2 4.65 -18.99 6.25
CA GLU A 2 4.78 -18.05 7.37
C GLU A 2 6.00 -17.12 7.24
N LYS A 3 5.86 -15.89 7.72
CA LYS A 3 6.91 -14.89 7.56
C LYS A 3 7.42 -14.92 6.11
N SER A 4 6.48 -14.87 5.17
CA SER A 4 6.84 -14.95 3.76
C SER A 4 6.64 -13.62 3.03
N VAL A 5 6.04 -12.65 3.71
CA VAL A 5 5.70 -11.35 3.13
C VAL A 5 6.55 -10.25 3.71
N SER A 6 7.15 -9.45 2.82
CA SER A 6 7.74 -8.17 3.23
C SER A 6 6.77 -7.05 2.94
N VAL A 7 6.51 -6.24 3.96
CA VAL A 7 5.69 -5.08 3.73
C VAL A 7 6.57 -3.89 3.35
N ILE A 8 6.12 -3.16 2.34
CA ILE A 8 6.69 -1.86 2.04
C ILE A 8 5.61 -0.90 2.36
N LEU A 9 5.82 -0.15 3.44
CA LEU A 9 4.79 0.72 3.91
C LEU A 9 5.13 2.18 3.58
N LEU A 10 4.22 2.89 2.92
CA LEU A 10 4.58 4.19 2.33
C LEU A 10 4.10 5.33 3.25
N ALA A 11 5.05 6.08 3.78
CA ALA A 11 4.68 7.20 4.66
C ALA A 11 5.56 8.43 4.42
N GLY A 12 6.10 8.55 3.20
CA GLY A 12 7.16 9.50 2.87
C GLY A 12 6.62 10.86 2.47
N GLY A 13 7.43 11.66 1.80
CA GLY A 13 7.02 12.96 1.32
C GLY A 13 7.11 13.07 -0.19
N SER A 21 -0.60 22.06 8.41
CA SER A 21 0.69 21.85 9.07
C SER A 21 1.16 20.38 9.06
N MET A 22 0.57 19.54 9.91
CA MET A 22 1.14 18.20 10.17
C MET A 22 0.88 17.16 9.05
N PRO A 23 1.95 16.54 8.55
CA PRO A 23 1.88 15.57 7.43
C PRO A 23 0.82 14.50 7.62
N LYS A 24 -0.11 14.44 6.67
CA LYS A 24 -1.41 13.82 6.88
C LYS A 24 -1.36 12.42 7.54
N GLN A 25 -0.39 11.60 7.17
CA GLN A 25 -0.29 10.27 7.76
C GLN A 25 0.34 10.35 9.16
N TYR A 26 0.33 11.54 9.76
CA TYR A 26 0.71 11.66 11.17
C TYR A 26 -0.30 12.40 12.07
N ILE A 27 -1.18 13.17 11.44
CA ILE A 27 -2.43 13.56 12.07
C ILE A 27 -2.94 12.32 12.82
N PRO A 28 -3.20 12.46 14.12
CA PRO A 28 -3.60 11.35 14.96
C PRO A 28 -5.07 11.01 14.81
N LEU A 29 -5.39 9.73 14.95
CA LEU A 29 -6.76 9.28 14.81
C LEU A 29 -7.22 8.67 16.13
N LEU A 30 -8.21 9.30 16.75
CA LEU A 30 -8.47 9.05 18.16
C LEU A 30 -7.17 9.36 18.92
N GLY A 31 -6.22 8.44 19.03
CA GLY A 31 -5.00 8.75 19.77
C GLY A 31 -3.65 8.74 19.10
N GLN A 32 -3.47 7.89 18.08
CA GLN A 32 -2.13 7.62 17.54
C GLN A 32 -2.05 8.07 16.08
N PRO A 33 -0.85 8.40 15.60
CA PRO A 33 -0.65 8.80 14.20
C PRO A 33 -1.09 7.75 13.18
N ILE A 34 -1.50 8.25 12.03
CA ILE A 34 -2.32 7.50 11.11
C ILE A 34 -1.58 6.28 10.57
N ALA A 35 -0.28 6.45 10.37
CA ALA A 35 0.60 5.45 9.82
C ALA A 35 0.70 4.27 10.76
N LEU A 36 0.01 4.35 11.90
CA LEU A 36 0.34 3.41 12.98
C LEU A 36 -0.67 2.31 12.97
N TYR A 37 -1.89 2.66 12.62
CA TYR A 37 -2.94 1.73 12.53
C TYR A 37 -2.52 0.63 11.52
N SER A 38 -2.31 0.97 10.25
CA SER A 38 -1.91 -0.04 9.29
C SER A 38 -0.64 -0.78 9.75
N PHE A 39 0.32 -0.02 10.27
CA PHE A 39 1.61 -0.56 10.73
C PHE A 39 1.45 -1.70 11.75
N PHE A 40 0.48 -1.58 12.63
CA PHE A 40 0.34 -2.58 13.66
C PHE A 40 -0.46 -3.78 13.13
N THR A 41 -1.36 -3.51 12.19
CA THR A 41 -2.11 -4.56 11.53
C THR A 41 -1.18 -5.55 10.89
N PHE A 42 -0.19 -5.07 10.16
CA PHE A 42 0.71 -5.97 9.45
C PHE A 42 1.62 -6.67 10.46
N SER A 43 2.04 -5.94 11.50
CA SER A 43 2.93 -6.52 12.57
C SER A 43 2.37 -7.77 13.26
N ARG A 44 1.05 -7.85 13.38
CA ARG A 44 0.35 -9.02 13.98
C ARG A 44 0.12 -10.24 13.09
N MET A 45 0.27 -10.09 11.78
CA MET A 45 -0.04 -11.18 10.88
C MET A 45 1.17 -12.07 10.81
N PRO A 46 1.02 -13.37 11.08
CA PRO A 46 2.15 -14.31 11.06
C PRO A 46 2.76 -14.43 9.71
N GLU A 47 1.98 -14.20 8.67
CA GLU A 47 2.53 -14.16 7.33
C GLU A 47 3.67 -13.13 7.17
N VAL A 48 3.71 -12.09 8.01
CA VAL A 48 4.52 -10.89 7.69
C VAL A 48 5.92 -11.02 8.35
N LYS A 49 6.98 -11.02 7.56
CA LYS A 49 8.35 -11.25 8.08
C LYS A 49 8.99 -9.97 8.56
N GLU A 50 8.80 -8.91 7.79
CA GLU A 50 9.51 -7.66 8.06
C GLU A 50 8.71 -6.58 7.49
N ILE A 51 8.80 -5.37 8.08
CA ILE A 51 8.28 -4.14 7.52
C ILE A 51 9.37 -3.13 7.12
N VAL A 52 9.29 -2.69 5.87
CA VAL A 52 10.15 -1.63 5.36
C VAL A 52 9.34 -0.34 5.33
N VAL A 53 9.61 0.59 6.26
CA VAL A 53 8.84 1.84 6.34
C VAL A 53 9.46 2.90 5.42
N VAL A 54 8.61 3.65 4.71
CA VAL A 54 9.19 4.66 3.80
C VAL A 54 8.77 6.01 4.26
N CYS A 55 9.77 6.72 4.80
CA CYS A 55 9.53 7.90 5.60
C CYS A 55 10.72 8.87 5.65
N ASP A 56 10.41 10.16 5.72
CA ASP A 56 11.41 11.16 6.16
C ASP A 56 11.90 10.82 7.56
N PRO A 57 13.18 10.48 7.68
CA PRO A 57 13.78 10.21 8.99
C PRO A 57 13.19 11.01 10.16
N PHE A 58 13.04 12.32 10.01
CA PHE A 58 12.37 13.05 11.07
C PHE A 58 11.25 12.24 11.75
N PHE A 59 10.57 11.39 10.97
CA PHE A 59 9.50 10.56 11.52
C PHE A 59 9.94 9.14 11.88
N ARG A 60 11.21 8.82 11.67
CA ARG A 60 11.71 7.47 11.98
C ARG A 60 11.32 7.01 13.36
N ASP A 61 11.38 7.94 14.33
CA ASP A 61 11.09 7.69 15.74
C ASP A 61 9.69 7.14 15.97
N ILE A 62 8.71 7.74 15.28
CA ILE A 62 7.35 7.26 15.33
C ILE A 62 7.25 5.72 15.21
N PHE A 63 8.30 5.10 14.64
CA PHE A 63 8.32 3.66 14.36
C PHE A 63 9.22 2.79 15.26
N GLU A 64 10.51 3.12 15.39
CA GLU A 64 11.44 2.30 16.22
C GLU A 64 10.98 2.23 17.68
N GLU A 65 10.01 3.08 18.07
CA GLU A 65 9.52 3.13 19.48
C GLU A 65 8.63 1.95 19.83
N TYR A 66 8.40 1.08 18.86
CA TYR A 66 7.63 -0.14 19.09
C TYR A 66 8.35 -1.33 18.51
N GLU A 67 9.62 -1.13 18.16
CA GLU A 67 10.44 -2.17 17.54
C GLU A 67 10.53 -3.47 18.33
N GLU A 68 10.25 -3.38 19.63
CA GLU A 68 10.54 -4.48 20.55
C GLU A 68 9.26 -5.20 20.95
N SER A 69 8.13 -4.49 20.83
CA SER A 69 6.79 -5.05 21.02
C SER A 69 6.15 -5.57 19.74
N ILE A 70 6.94 -6.25 18.92
CA ILE A 70 6.57 -6.47 17.53
C ILE A 70 7.26 -7.73 17.06
N ASP A 71 6.50 -8.66 16.52
CA ASP A 71 7.09 -9.92 16.16
C ASP A 71 7.52 -9.96 14.70
N VAL A 72 7.80 -8.78 14.11
CA VAL A 72 8.41 -8.70 12.78
C VAL A 72 9.67 -7.80 12.77
N ASP A 73 10.53 -7.92 11.76
CA ASP A 73 11.71 -7.05 11.66
C ASP A 73 11.35 -5.68 11.08
N LEU A 74 11.77 -4.60 11.74
CA LEU A 74 11.61 -3.24 11.21
C LEU A 74 12.74 -2.85 10.25
N ARG A 75 12.44 -2.01 9.25
CA ARG A 75 13.49 -1.61 8.30
C ARG A 75 13.14 -0.28 7.74
N PHE A 76 14.12 0.39 7.16
CA PHE A 76 13.93 1.76 6.78
C PHE A 76 14.62 1.96 5.46
N ALA A 77 14.07 2.87 4.67
CA ALA A 77 14.70 3.26 3.44
C ALA A 77 14.17 4.63 3.13
N ILE A 78 14.88 5.41 2.35
CA ILE A 78 14.43 6.76 2.16
C ILE A 78 13.57 6.87 0.93
N PRO A 79 12.60 7.76 1.03
CA PRO A 79 11.70 8.06 -0.05
C PRO A 79 12.41 8.66 -1.25
N GLY A 80 11.67 8.72 -2.36
CA GLY A 80 12.14 9.37 -3.56
C GLY A 80 11.15 10.41 -4.05
N LYS A 81 11.43 10.91 -5.25
CA LYS A 81 10.78 12.10 -5.74
C LYS A 81 9.30 11.81 -5.95
N GLU A 82 9.00 10.66 -6.53
CA GLU A 82 7.62 10.34 -6.89
C GLU A 82 7.22 9.06 -6.18
N ARG A 83 5.92 8.85 -6.06
CA ARG A 83 5.37 7.65 -5.40
C ARG A 83 6.10 6.34 -5.77
N GLN A 84 6.49 6.18 -7.03
CA GLN A 84 7.15 4.94 -7.52
C GLN A 84 8.64 4.80 -7.16
N ASP A 85 9.29 5.90 -6.86
CA ASP A 85 10.70 5.87 -6.52
C ASP A 85 10.93 5.33 -5.09
N SER A 86 10.02 5.72 -4.20
CA SER A 86 9.95 5.26 -2.83
C SER A 86 9.72 3.74 -2.79
N VAL A 87 8.67 3.28 -3.46
CA VAL A 87 8.45 1.86 -3.67
C VAL A 87 9.77 1.19 -4.02
N TYR A 88 10.46 1.73 -5.01
CA TYR A 88 11.72 1.14 -5.45
C TYR A 88 12.77 1.19 -4.31
N SER A 89 12.80 2.29 -3.57
CA SER A 89 13.71 2.41 -2.41
C SER A 89 13.36 1.39 -1.30
N GLY A 90 12.08 1.31 -0.97
CA GLY A 90 11.53 0.16 -0.23
C GLY A 90 11.95 -1.22 -0.71
N LEU A 91 11.78 -1.49 -2.00
CA LEU A 91 12.19 -2.76 -2.59
C LEU A 91 13.66 -3.14 -2.33
N GLN A 92 14.51 -2.13 -2.19
CA GLN A 92 15.95 -2.37 -2.06
C GLN A 92 16.36 -3.00 -0.73
N GLU A 93 15.51 -2.82 0.28
CA GLU A 93 15.76 -3.39 1.65
C GLU A 93 15.09 -4.74 2.08
N ILE A 94 14.21 -5.33 1.27
CA ILE A 94 13.38 -6.52 1.65
C ILE A 94 14.22 -7.81 1.83
N ASP A 95 13.87 -8.80 2.73
CA ASP A 95 14.60 -10.16 2.97
C ASP A 95 14.90 -10.81 1.63
N VAL A 96 16.17 -11.22 1.48
CA VAL A 96 16.66 -11.80 0.25
C VAL A 96 15.61 -12.75 -0.36
N ASN A 97 14.76 -13.32 0.49
CA ASN A 97 13.99 -14.51 0.14
C ASN A 97 12.51 -14.34 0.38
N SER A 98 12.04 -13.10 0.47
CA SER A 98 10.60 -12.90 0.68
C SER A 98 9.89 -13.32 -0.62
N GLU A 99 8.74 -13.97 -0.48
CA GLU A 99 8.00 -14.48 -1.66
C GLU A 99 6.98 -13.48 -2.20
N LEU A 100 6.56 -12.54 -1.37
CA LEU A 100 5.59 -11.50 -1.71
C LEU A 100 6.06 -10.15 -1.20
N VAL A 101 5.91 -9.13 -2.02
CA VAL A 101 5.97 -7.77 -1.52
C VAL A 101 4.58 -7.19 -1.40
N CYS A 102 4.33 -6.63 -0.23
CA CYS A 102 3.07 -6.06 0.09
C CYS A 102 3.22 -4.55 0.27
N ILE A 103 2.84 -3.79 -0.74
CA ILE A 103 3.02 -2.35 -0.72
C ILE A 103 1.79 -1.68 -0.21
N HIS A 104 1.93 -0.86 0.86
CA HIS A 104 0.77 -0.24 1.48
C HIS A 104 1.00 1.24 1.72
N ASP A 105 -0.08 2.01 1.65
CA ASP A 105 -0.02 3.43 1.80
C ASP A 105 -0.51 3.82 3.19
N SER A 106 0.39 4.43 3.96
CA SER A 106 0.09 4.90 5.32
C SER A 106 -1.27 5.51 5.54
N ALA A 107 -1.76 6.26 4.55
CA ALA A 107 -2.97 7.05 4.69
C ALA A 107 -4.22 6.22 4.61
N ARG A 108 -4.03 4.91 4.50
CA ARG A 108 -5.12 3.99 4.69
C ARG A 108 -4.91 3.21 6.00
N PRO A 109 -5.34 3.77 7.14
CA PRO A 109 -5.07 3.19 8.47
C PRO A 109 -6.08 2.10 8.81
N LEU A 110 -7.20 2.12 8.10
CA LEU A 110 -8.33 1.29 8.41
C LEU A 110 -8.40 -0.06 7.66
N VAL A 111 -7.34 -0.44 6.96
CA VAL A 111 -7.31 -1.74 6.26
C VAL A 111 -7.63 -2.88 7.25
N ASN A 112 -8.63 -3.72 6.93
CA ASN A 112 -9.00 -4.85 7.80
C ASN A 112 -7.94 -5.95 7.63
N THR A 113 -7.63 -6.64 8.72
CA THR A 113 -6.78 -7.81 8.65
C THR A 113 -7.30 -8.85 7.64
N GLU A 114 -8.59 -9.14 7.72
CA GLU A 114 -9.25 -10.08 6.81
C GLU A 114 -9.05 -9.74 5.33
N ASP A 115 -9.09 -8.46 4.98
CA ASP A 115 -8.86 -8.03 3.58
C ASP A 115 -7.37 -8.13 3.18
N VAL A 116 -6.48 -7.80 4.11
CA VAL A 116 -5.05 -8.00 3.82
C VAL A 116 -4.80 -9.52 3.57
N GLU A 117 -5.35 -10.39 4.42
CA GLU A 117 -5.19 -11.86 4.26
C GLU A 117 -5.64 -12.27 2.86
N LYS A 118 -6.77 -11.75 2.41
CA LYS A 118 -7.34 -12.15 1.11
C LYS A 118 -6.43 -11.73 0.00
N VAL A 119 -5.96 -10.50 0.11
CA VAL A 119 -5.14 -9.99 -0.97
C VAL A 119 -3.77 -10.64 -0.94
N LEU A 120 -3.20 -10.91 0.24
CA LEU A 120 -2.00 -11.77 0.23
C LEU A 120 -2.26 -13.09 -0.52
N LYS A 121 -3.34 -13.78 -0.21
CA LYS A 121 -3.62 -15.04 -0.91
C LYS A 121 -3.74 -14.89 -2.40
N ASP A 122 -4.50 -13.87 -2.82
CA ASP A 122 -4.70 -13.62 -4.24
C ASP A 122 -3.36 -13.23 -4.87
N GLY A 123 -2.50 -12.45 -4.19
CA GLY A 123 -1.19 -12.07 -4.83
C GLY A 123 -0.26 -13.29 -4.93
N SER A 124 -0.33 -14.14 -3.92
CA SER A 124 0.30 -15.44 -3.98
C SER A 124 -0.15 -16.33 -5.16
N ALA A 125 -1.46 -16.51 -5.31
CA ALA A 125 -1.99 -17.33 -6.42
C ALA A 125 -1.69 -16.69 -7.77
N VAL A 126 -2.00 -15.41 -7.91
CA VAL A 126 -1.86 -14.76 -9.21
C VAL A 126 -0.50 -14.16 -9.54
N GLY A 127 0.26 -13.72 -8.53
CA GLY A 127 1.53 -13.05 -8.77
C GLY A 127 1.44 -11.57 -8.51
N ALA A 128 0.23 -11.03 -8.62
CA ALA A 128 -0.01 -9.63 -8.33
C ALA A 128 -1.47 -9.46 -8.10
N ALA A 129 -1.81 -8.75 -7.02
CA ALA A 129 -3.18 -8.46 -6.67
C ALA A 129 -3.26 -7.14 -5.95
N VAL A 130 -4.45 -6.57 -6.01
CA VAL A 130 -4.65 -5.27 -5.36
C VAL A 130 -6.04 -5.37 -4.79
N LEU A 131 -6.28 -4.75 -3.64
CA LEU A 131 -7.67 -4.69 -3.13
C LEU A 131 -8.47 -3.57 -3.84
N GLY A 132 -9.74 -3.85 -4.17
CA GLY A 132 -10.59 -2.86 -4.81
C GLY A 132 -12.03 -2.96 -4.34
N VAL A 133 -12.84 -1.95 -4.65
CA VAL A 133 -14.25 -1.99 -4.39
C VAL A 133 -15.00 -1.42 -5.63
N PRO A 134 -16.20 -1.88 -5.87
CA PRO A 134 -16.88 -1.45 -7.07
C PRO A 134 -17.15 0.06 -6.85
N ALA A 135 -16.63 0.91 -7.74
CA ALA A 135 -16.90 2.35 -7.73
C ALA A 135 -18.40 2.60 -7.69
N LYS A 136 -18.85 3.41 -6.73
CA LYS A 136 -20.28 3.71 -6.58
C LYS A 136 -20.70 4.89 -7.48
N ALA A 137 -19.76 5.79 -7.79
CA ALA A 137 -20.07 6.87 -8.75
C ALA A 137 -20.32 6.38 -10.19
N THR A 138 -21.03 7.18 -10.97
CA THR A 138 -21.08 6.98 -12.41
C THR A 138 -19.83 7.51 -13.06
N ILE A 139 -19.03 6.61 -13.62
CA ILE A 139 -17.78 7.02 -14.20
C ILE A 139 -17.93 6.83 -15.67
N LYS A 140 -17.45 7.81 -16.44
CA LYS A 140 -17.36 7.68 -17.91
C LYS A 140 -15.97 8.04 -18.39
N GLU A 141 -15.55 7.39 -19.48
CA GLU A 141 -14.41 7.91 -20.26
C GLU A 141 -14.88 9.04 -21.12
N VAL A 142 -14.07 10.07 -21.15
CA VAL A 142 -14.32 11.25 -21.95
C VAL A 142 -13.14 11.43 -22.87
N ASN A 143 -13.40 11.86 -24.10
CA ASN A 143 -12.35 12.00 -25.09
C ASN A 143 -11.92 13.45 -25.13
N SER A 144 -11.08 13.81 -26.09
CA SER A 144 -10.41 15.09 -26.00
C SER A 144 -11.37 16.20 -26.39
N ASP A 145 -12.54 15.81 -26.88
CA ASP A 145 -13.55 16.82 -27.17
C ASP A 145 -14.63 16.96 -26.13
N SER A 146 -14.34 16.38 -24.96
CA SER A 146 -15.16 16.45 -23.77
C SER A 146 -16.47 15.71 -23.95
N LEU A 147 -16.48 14.72 -24.85
CA LEU A 147 -17.65 13.92 -25.08
C LEU A 147 -17.45 12.56 -24.47
N VAL A 148 -18.50 12.06 -23.84
CA VAL A 148 -18.56 10.68 -23.36
C VAL A 148 -18.24 9.70 -24.46
N VAL A 149 -17.28 8.79 -24.21
CA VAL A 149 -17.12 7.60 -25.07
C VAL A 149 -17.98 6.46 -24.53
N THR A 156 -17.29 -3.23 -16.05
CA THR A 156 -17.53 -2.99 -14.63
C THR A 156 -16.30 -2.37 -13.96
N LEU A 157 -16.48 -1.19 -13.37
CA LEU A 157 -15.34 -0.42 -12.93
C LEU A 157 -15.14 -0.58 -11.43
N TRP A 158 -13.88 -0.56 -11.01
CA TRP A 158 -13.53 -0.83 -9.62
C TRP A 158 -12.66 0.27 -9.13
N GLU A 159 -12.86 0.71 -7.89
CA GLU A 159 -11.90 1.65 -7.32
C GLU A 159 -10.75 0.93 -6.61
N MET A 160 -9.52 1.34 -6.91
CA MET A 160 -8.34 0.63 -6.46
C MET A 160 -7.92 1.17 -5.12
N GLN A 161 -7.55 0.27 -4.22
CA GLN A 161 -6.97 0.66 -2.95
C GLN A 161 -5.57 0.11 -2.78
N THR A 162 -5.17 -0.05 -1.52
CA THR A 162 -3.89 -0.67 -1.19
C THR A 162 -4.16 -1.55 0.05
N PRO A 163 -3.44 -2.64 0.30
CA PRO A 163 -2.17 -3.05 -0.34
C PRO A 163 -2.30 -3.46 -1.80
N GLN A 164 -1.17 -3.34 -2.49
CA GLN A 164 -0.82 -4.07 -3.70
C GLN A 164 0.20 -5.13 -3.31
N VAL A 165 -0.08 -6.37 -3.69
CA VAL A 165 0.72 -7.54 -3.33
C VAL A 165 1.29 -8.16 -4.59
N ILE A 166 2.61 -8.07 -4.70
CA ILE A 166 3.31 -8.45 -5.93
C ILE A 166 4.51 -9.31 -5.56
N LYS A 167 4.78 -10.35 -6.33
CA LYS A 167 6.02 -11.11 -6.17
C LYS A 167 7.17 -10.21 -6.60
N PRO A 168 8.25 -10.23 -5.81
CA PRO A 168 9.27 -9.22 -5.93
C PRO A 168 9.98 -9.35 -7.26
N GLU A 169 10.25 -10.58 -7.69
CA GLU A 169 10.83 -10.81 -9.06
C GLU A 169 10.05 -10.08 -10.16
N LEU A 170 8.72 -10.28 -10.17
CA LEU A 170 7.81 -9.56 -11.08
C LEU A 170 7.93 -8.06 -10.94
N LEU A 171 7.75 -7.57 -9.71
CA LEU A 171 7.84 -6.12 -9.44
C LEU A 171 9.13 -5.51 -10.00
N LYS A 172 10.24 -6.24 -9.84
CA LYS A 172 11.54 -5.85 -10.39
C LYS A 172 11.60 -5.86 -11.93
N LYS A 173 11.07 -6.92 -12.53
CA LYS A 173 10.93 -7.03 -13.99
C LYS A 173 10.21 -5.78 -14.47
N GLY A 174 9.16 -5.42 -13.74
CA GLY A 174 8.32 -4.27 -14.05
C GLY A 174 9.02 -2.93 -13.88
N PHE A 175 9.81 -2.79 -12.81
CA PHE A 175 10.57 -1.54 -12.64
C PHE A 175 11.50 -1.36 -13.82
N GLU A 176 12.09 -2.45 -14.28
CA GLU A 176 13.13 -2.35 -15.30
C GLU A 176 12.58 -2.21 -16.73
N LEU A 177 11.28 -2.45 -16.89
CA LEU A 177 10.62 -2.25 -18.17
C LEU A 177 10.15 -0.81 -18.30
N VAL A 178 9.87 -0.19 -17.15
CA VAL A 178 9.58 1.24 -17.09
C VAL A 178 10.87 2.03 -17.24
N LYS A 179 11.91 1.57 -16.55
CA LYS A 179 13.22 2.22 -16.58
C LYS A 179 13.84 2.26 -17.97
N SER A 180 13.84 1.11 -18.66
CA SER A 180 14.27 1.03 -20.06
C SER A 180 13.56 2.07 -20.93
N GLU A 181 12.23 1.93 -21.04
CA GLU A 181 11.41 2.86 -21.82
C GLU A 181 10.91 4.03 -20.95
N GLY A 182 9.61 4.15 -20.70
CA GLY A 182 9.12 5.21 -19.81
C GLY A 182 7.66 5.10 -19.38
N LEU A 183 7.31 5.92 -18.37
CA LEU A 183 5.92 6.35 -18.09
C LEU A 183 5.27 5.74 -16.82
N GLU A 184 4.80 6.62 -15.93
CA GLU A 184 4.07 6.19 -14.73
C GLU A 184 2.95 7.18 -14.39
N VAL A 185 1.72 6.76 -14.70
CA VAL A 185 0.54 7.64 -14.72
C VAL A 185 -0.37 7.47 -13.51
N THR A 186 -0.76 6.23 -13.23
CA THR A 186 -1.82 5.89 -12.25
C THR A 186 -2.93 6.94 -12.24
N ASP A 188 -4.28 3.73 -15.00
CA ASP A 188 -3.65 2.42 -14.79
C ASP A 188 -2.20 2.42 -15.25
N VAL A 189 -1.37 3.11 -14.48
CA VAL A 189 -0.07 2.55 -14.13
C VAL A 189 -0.09 2.05 -12.69
N SER A 190 -0.09 0.73 -12.55
CA SER A 190 0.91 0.12 -11.72
C SER A 190 2.06 -0.11 -12.69
N ILE A 191 3.28 -0.09 -12.18
CA ILE A 191 4.41 -0.67 -12.87
C ILE A 191 4.02 -2.00 -13.51
N VAL A 192 3.08 -2.72 -12.90
CA VAL A 192 2.72 -4.10 -13.32
C VAL A 192 1.58 -4.15 -14.37
N GLU A 193 0.82 -3.06 -14.50
CA GLU A 193 -0.04 -2.91 -15.67
C GLU A 193 0.77 -3.25 -16.92
N TYR A 194 1.82 -2.47 -17.18
CA TYR A 194 2.65 -2.63 -18.40
C TYR A 194 3.14 -4.06 -18.75
N LEU A 195 2.95 -5.03 -17.87
CA LEU A 195 3.80 -6.25 -17.85
C LEU A 195 3.42 -7.47 -18.75
N LYS A 196 2.13 -7.59 -19.07
CA LYS A 196 1.48 -8.82 -19.59
C LYS A 196 1.10 -9.86 -18.56
N HIS A 197 1.80 -9.85 -17.41
CA HIS A 197 1.36 -10.66 -16.31
C HIS A 197 0.07 -10.10 -15.74
N PRO A 198 -0.87 -10.99 -15.39
CA PRO A 198 -2.17 -10.63 -14.78
C PRO A 198 -2.17 -9.91 -13.41
N VAL A 199 -3.09 -8.96 -13.22
CA VAL A 199 -3.41 -8.38 -11.90
C VAL A 199 -4.84 -8.69 -11.41
N TYR A 200 -4.91 -9.39 -10.30
CA TYR A 200 -6.15 -9.75 -9.68
C TYR A 200 -6.62 -8.63 -8.77
N VAL A 201 -7.93 -8.45 -8.68
CA VAL A 201 -8.47 -7.39 -7.82
C VAL A 201 -9.29 -8.09 -6.78
N SER A 202 -8.82 -8.08 -5.52
CA SER A 202 -9.45 -8.75 -4.40
C SER A 202 -10.49 -7.80 -3.87
N GLN A 203 -11.70 -8.28 -3.63
CA GLN A 203 -12.72 -7.32 -3.17
C GLN A 203 -12.47 -6.93 -1.75
N GLY A 204 -12.29 -5.63 -1.55
CA GLY A 204 -12.12 -5.08 -0.22
C GLY A 204 -13.39 -4.43 0.32
N SER A 205 -13.18 -3.46 1.18
CA SER A 205 -14.17 -2.87 2.04
C SER A 205 -14.14 -1.35 1.81
N TYR A 206 -15.32 -0.77 1.79
CA TYR A 206 -15.48 0.64 1.54
C TYR A 206 -14.94 1.46 2.68
N THR A 207 -14.58 0.81 3.79
CA THR A 207 -14.00 1.51 4.94
C THR A 207 -12.51 1.73 4.86
N ASN A 208 -11.86 1.05 3.92
CA ASN A 208 -10.44 1.22 3.69
C ASN A 208 -10.33 2.52 2.93
N ILE A 209 -10.83 3.60 3.54
CA ILE A 209 -10.76 4.89 2.90
C ILE A 209 -9.34 5.36 3.03
N LYS A 210 -8.95 6.31 2.19
CA LYS A 210 -7.66 7.03 2.30
C LYS A 210 -7.92 8.37 3.01
N VAL A 211 -6.94 8.80 3.81
CA VAL A 211 -7.11 9.94 4.72
C VAL A 211 -6.39 11.17 4.15
N THR A 212 -7.17 12.19 3.78
CA THR A 212 -6.64 13.44 3.22
C THR A 212 -7.23 14.68 3.90
N THR A 213 -8.50 14.94 3.61
CA THR A 213 -9.34 15.94 4.30
C THR A 213 -9.65 15.53 5.74
N PRO A 214 -9.66 16.49 6.67
CA PRO A 214 -10.07 16.19 8.04
C PRO A 214 -11.57 15.82 8.11
N ASP A 215 -12.22 15.85 6.96
CA ASP A 215 -13.56 15.27 6.88
C ASP A 215 -13.48 13.77 6.65
N ASP A 216 -12.33 13.34 6.14
CA ASP A 216 -11.93 11.93 6.16
C ASP A 216 -11.71 11.47 7.61
N LEU A 217 -10.78 12.13 8.30
CA LEU A 217 -10.60 11.88 9.74
C LEU A 217 -11.91 11.89 10.48
N LEU A 218 -12.71 12.93 10.27
CA LEU A 218 -14.06 12.95 10.83
C LEU A 218 -14.72 11.63 10.49
N LEU A 219 -14.45 11.14 9.29
CA LEU A 219 -14.97 9.86 8.82
C LEU A 219 -14.21 8.69 9.43
N ALA A 220 -12.88 8.71 9.31
CA ALA A 220 -12.06 7.68 9.95
C ALA A 220 -12.58 7.39 11.36
N GLU A 221 -12.69 8.45 12.17
CA GLU A 221 -13.25 8.35 13.53
C GLU A 221 -14.64 7.72 13.63
N ARG A 222 -15.59 8.19 12.85
CA ARG A 222 -16.90 7.57 12.81
C ARG A 222 -16.79 6.04 12.64
N ILE A 223 -15.83 5.61 11.82
CA ILE A 223 -15.66 4.19 11.50
C ILE A 223 -14.94 3.39 12.60
N LEU A 224 -14.00 4.02 13.30
CA LEU A 224 -13.42 3.40 14.50
C LEU A 224 -14.44 3.21 15.63
N SER A 225 -15.44 4.11 15.70
CA SER A 225 -16.51 4.02 16.69
C SER A 225 -17.45 2.83 16.47
N GLU A 226 -17.70 2.51 15.19
CA GLU A 226 -18.82 1.66 14.83
C GLU A 226 -18.64 0.20 15.28
#